data_5HYT
#
_entry.id   5HYT
#
_cell.length_a   68.079
_cell.length_b   80.348
_cell.length_c   152.940
_cell.angle_alpha   90.00
_cell.angle_beta   90.00
_cell.angle_gamma   90.00
#
_symmetry.space_group_name_H-M   'P 21 21 21'
#
loop_
_entity.id
_entity.type
_entity.pdbx_description
1 polymer 'Precursor to Protein Sir22'
2 polymer 'C4b-binding protein alpha chain'
3 water water
#
loop_
_entity_poly.entity_id
_entity_poly.type
_entity_poly.pdbx_seq_one_letter_code
_entity_poly.pdbx_strand_id
1 'polypeptide(L)'
;GPGSESSNISQESKLINTLTDENEKLREELQQYYALSDAKEEEPRYKALRGENQDLREKERKYQDKIKKLEEKEKNLEKK
SED
;
A,C,G,E
2 'polypeptide(L)'
;GPGSNCGPPPTLSFAAPMDITLTETRFKTGTTLKYTCLPGYVRSHSTQTLTCNSDGEWVYNTFCIYKRCRHPGELRNGQV
EIKTDLSFGSQIEFSCSEGFFLIGSTTSRCEVQDRGVGWSHPLPQCEI
;
B,D,F,H
#
# COMPACT_ATOMS: atom_id res chain seq x y z
N ILE A 9 10.40 -27.18 -15.30
CA ILE A 9 9.01 -27.33 -14.91
C ILE A 9 8.07 -26.29 -15.59
N SER A 10 7.12 -26.80 -16.35
CA SER A 10 6.17 -26.01 -17.12
C SER A 10 5.15 -25.29 -16.24
N GLN A 11 5.09 -25.63 -14.96
CA GLN A 11 4.12 -25.04 -14.04
C GLN A 11 4.23 -23.54 -13.86
N GLU A 12 5.46 -23.01 -13.94
CA GLU A 12 5.64 -21.56 -13.87
C GLU A 12 4.92 -20.88 -15.02
N SER A 13 5.10 -21.42 -16.22
CA SER A 13 4.50 -20.85 -17.40
C SER A 13 2.98 -21.00 -17.41
N LYS A 14 2.48 -22.13 -16.89
CA LYS A 14 1.05 -22.38 -16.86
C LYS A 14 0.37 -21.37 -15.96
N LEU A 15 0.99 -21.07 -14.83
CA LEU A 15 0.46 -20.09 -13.90
C LEU A 15 0.46 -18.70 -14.54
N ILE A 16 1.55 -18.36 -15.22
CA ILE A 16 1.66 -17.08 -15.90
C ILE A 16 0.56 -16.92 -16.94
N ASN A 17 0.33 -17.96 -17.74
CA ASN A 17 -0.74 -17.94 -18.72
C ASN A 17 -2.13 -17.85 -18.10
N THR A 18 -2.34 -18.57 -17.00
CA THR A 18 -3.61 -18.51 -16.28
C THR A 18 -3.91 -17.07 -15.85
N LEU A 19 -2.96 -16.43 -15.22
CA LEU A 19 -3.16 -15.07 -14.73
C LEU A 19 -3.27 -14.08 -15.88
N THR A 20 -2.50 -14.30 -16.94
CA THR A 20 -2.55 -13.41 -18.08
C THR A 20 -3.92 -13.45 -18.75
N ASP A 21 -4.46 -14.65 -18.93
CA ASP A 21 -5.74 -14.82 -19.56
C ASP A 21 -6.87 -14.29 -18.68
N GLU A 22 -6.75 -14.53 -17.38
CA GLU A 22 -7.78 -14.11 -16.46
C GLU A 22 -7.80 -12.57 -16.41
N ASN A 23 -6.63 -11.96 -16.36
CA ASN A 23 -6.52 -10.51 -16.34
C ASN A 23 -7.05 -9.91 -17.63
N GLU A 24 -6.84 -10.61 -18.72
CA GLU A 24 -7.31 -10.13 -20.00
C GLU A 24 -8.83 -10.09 -19.95
N LYS A 25 -9.42 -11.16 -19.45
CA LYS A 25 -10.88 -11.29 -19.47
C LYS A 25 -11.50 -10.23 -18.57
N LEU A 26 -10.78 -9.90 -17.52
CA LEU A 26 -11.20 -8.94 -16.53
C LEU A 26 -11.15 -7.54 -17.10
N ARG A 27 -10.09 -7.27 -17.86
CA ARG A 27 -9.90 -5.99 -18.54
C ARG A 27 -10.97 -5.76 -19.59
N GLU A 28 -11.37 -6.82 -20.28
CA GLU A 28 -12.44 -6.74 -21.26
C GLU A 28 -13.70 -6.36 -20.50
N GLU A 29 -13.88 -6.93 -19.32
CA GLU A 29 -15.06 -6.66 -18.54
C GLU A 29 -15.08 -5.18 -18.10
N LEU A 30 -13.93 -4.67 -17.69
CA LEU A 30 -13.82 -3.27 -17.33
C LEU A 30 -14.15 -2.39 -18.55
N GLN A 31 -13.94 -2.94 -19.74
CA GLN A 31 -14.11 -2.18 -20.97
C GLN A 31 -15.57 -1.75 -21.11
N GLN A 32 -16.48 -2.64 -20.72
CA GLN A 32 -17.89 -2.31 -20.75
C GLN A 32 -18.22 -1.10 -19.88
N TYR A 33 -17.57 -0.97 -18.73
CA TYR A 33 -17.76 0.19 -17.88
C TYR A 33 -17.16 1.46 -18.44
N TYR A 34 -15.98 1.34 -19.06
CA TYR A 34 -15.30 2.46 -19.71
C TYR A 34 -16.17 3.06 -20.84
N ALA A 35 -16.82 2.15 -21.55
CA ALA A 35 -17.63 2.43 -22.73
C ALA A 35 -18.79 3.35 -22.45
N LEU A 36 -19.26 3.34 -21.21
CA LEU A 36 -20.39 4.18 -20.84
C LEU A 36 -19.89 5.60 -20.58
N SER A 37 -18.58 5.70 -20.39
CA SER A 37 -17.87 6.95 -20.07
C SER A 37 -18.52 7.64 -18.90
N ASN B 5 -4.40 29.01 -24.57
CA ASN B 5 -3.25 29.13 -25.44
C ASN B 5 -2.44 27.83 -25.65
N CYS B 6 -3.12 26.72 -25.95
CA CYS B 6 -2.46 25.46 -26.31
C CYS B 6 -2.27 25.27 -27.83
N GLY B 7 -1.27 24.50 -28.23
CA GLY B 7 -1.13 24.18 -29.65
C GLY B 7 -1.86 22.86 -29.89
N PRO B 8 -1.74 22.29 -31.10
CA PRO B 8 -2.43 21.07 -31.52
C PRO B 8 -2.06 19.90 -30.65
N PRO B 9 -3.00 18.96 -30.45
CA PRO B 9 -2.78 17.88 -29.46
C PRO B 9 -1.78 16.84 -30.00
N PRO B 10 -0.93 16.33 -29.12
CA PRO B 10 0.11 15.38 -29.53
C PRO B 10 -0.38 13.95 -29.79
N THR B 11 0.28 13.20 -30.65
CA THR B 11 0.04 11.76 -30.63
C THR B 11 1.05 11.25 -29.57
N LEU B 12 0.59 10.36 -28.71
CA LEU B 12 1.40 9.84 -27.61
C LEU B 12 1.88 8.45 -27.95
N SER B 13 2.75 7.90 -27.14
CA SER B 13 3.30 6.59 -27.44
C SER B 13 2.22 5.54 -27.38
N PHE B 14 1.16 5.80 -26.62
CA PHE B 14 0.15 4.77 -26.38
C PHE B 14 -1.21 5.12 -26.95
N ALA B 15 -1.43 6.38 -27.32
CA ALA B 15 -2.73 6.81 -27.86
C ALA B 15 -2.59 7.97 -28.87
N ALA B 16 -3.58 8.08 -29.73
CA ALA B 16 -3.66 9.16 -30.71
C ALA B 16 -5.07 9.79 -30.65
N PRO B 17 -5.20 11.04 -31.08
CA PRO B 17 -6.52 11.69 -30.96
C PRO B 17 -7.61 11.04 -31.77
N MET B 18 -8.80 10.90 -31.19
CA MET B 18 -9.95 10.52 -31.99
C MET B 18 -10.24 11.72 -32.82
N ASP B 19 -10.97 11.49 -33.90
CA ASP B 19 -11.29 12.54 -34.86
C ASP B 19 -10.00 13.08 -35.48
N ILE B 20 -9.71 12.60 -36.69
CA ILE B 20 -8.56 13.10 -37.40
C ILE B 20 -8.97 14.23 -38.35
N THR B 21 -9.88 15.12 -37.94
CA THR B 21 -10.15 16.33 -38.74
C THR B 21 -9.03 17.32 -38.41
N LEU B 22 -7.85 16.73 -38.27
CA LEU B 22 -6.52 17.32 -38.10
C LEU B 22 -6.45 18.54 -37.19
N THR B 23 -5.34 19.23 -37.35
CA THR B 23 -4.92 20.31 -36.50
C THR B 23 -5.63 21.66 -36.67
N GLU B 24 -6.85 21.79 -36.14
CA GLU B 24 -7.39 23.13 -35.94
C GLU B 24 -6.31 23.62 -35.00
N THR B 25 -5.72 24.77 -35.25
CA THR B 25 -4.35 24.93 -34.79
C THR B 25 -4.20 25.37 -33.34
N ARG B 26 -5.20 26.02 -32.79
CA ARG B 26 -5.08 26.47 -31.41
C ARG B 26 -6.31 26.08 -30.60
N PHE B 27 -6.12 25.78 -29.32
CA PHE B 27 -7.22 25.41 -28.43
C PHE B 27 -7.21 26.21 -27.14
N LYS B 28 -8.38 26.70 -26.70
CA LYS B 28 -8.43 27.49 -25.46
C LYS B 28 -8.18 26.59 -24.24
N THR B 29 -7.65 27.18 -23.15
CA THR B 29 -7.41 26.44 -21.92
C THR B 29 -8.73 25.86 -21.39
N GLY B 30 -8.71 24.57 -21.16
CA GLY B 30 -9.87 23.84 -20.69
C GLY B 30 -10.42 22.88 -21.73
N THR B 31 -10.03 22.99 -23.01
CA THR B 31 -10.59 22.09 -24.02
C THR B 31 -10.06 20.67 -23.80
N THR B 32 -10.94 19.69 -23.97
CA THR B 32 -10.55 18.29 -23.91
C THR B 32 -10.82 17.60 -25.23
N LEU B 33 -9.85 16.78 -25.64
CA LEU B 33 -9.96 15.99 -26.86
C LEU B 33 -9.93 14.50 -26.52
N LYS B 34 -10.79 13.72 -27.17
CA LYS B 34 -10.77 12.30 -26.92
C LYS B 34 -9.69 11.60 -27.73
N TYR B 35 -9.05 10.63 -27.07
CA TYR B 35 -7.99 9.82 -27.66
C TYR B 35 -8.43 8.37 -27.78
N THR B 36 -7.75 7.64 -28.65
CA THR B 36 -7.96 6.23 -28.78
C THR B 36 -6.62 5.50 -28.63
N CYS B 37 -6.65 4.31 -28.01
CA CYS B 37 -5.46 3.52 -27.78
C CYS B 37 -4.84 3.08 -29.10
N LEU B 38 -3.53 3.24 -29.24
CA LEU B 38 -2.83 2.70 -30.39
C LEU B 38 -2.85 1.20 -30.30
N PRO B 39 -2.70 0.51 -31.44
CA PRO B 39 -2.66 -0.95 -31.38
C PRO B 39 -1.51 -1.44 -30.50
N GLY B 40 -1.73 -2.56 -29.83
CA GLY B 40 -0.77 -3.07 -28.87
C GLY B 40 -1.11 -2.59 -27.46
N TYR B 41 -2.05 -1.66 -27.37
CA TYR B 41 -2.48 -1.12 -26.07
C TYR B 41 -3.97 -1.37 -25.84
N VAL B 42 -4.37 -1.40 -24.57
CA VAL B 42 -5.79 -1.48 -24.19
C VAL B 42 -6.18 -0.34 -23.28
N ARG B 43 -7.46 0.04 -23.29
CA ARG B 43 -7.95 1.07 -22.37
C ARG B 43 -7.72 0.60 -20.95
N SER B 44 -7.17 1.50 -20.16
CA SER B 44 -6.81 1.30 -18.78
C SER B 44 -7.72 2.11 -17.87
N HIS B 45 -8.32 3.15 -18.44
CA HIS B 45 -9.11 4.09 -17.67
C HIS B 45 -10.36 4.58 -18.42
N SER B 46 -11.36 5.02 -17.67
CA SER B 46 -12.57 5.59 -18.24
C SER B 46 -12.27 6.87 -19.01
N THR B 47 -11.40 7.70 -18.43
CA THR B 47 -11.06 8.99 -19.03
C THR B 47 -9.97 8.90 -20.09
N GLN B 48 -10.34 9.11 -21.35
CA GLN B 48 -9.37 9.12 -22.42
C GLN B 48 -9.29 10.48 -23.06
N THR B 49 -9.02 11.50 -22.26
CA THR B 49 -8.94 12.85 -22.78
C THR B 49 -7.63 13.54 -22.43
N LEU B 50 -7.25 14.50 -23.25
CA LEU B 50 -6.21 15.43 -22.86
C LEU B 50 -6.88 16.77 -22.62
N THR B 51 -6.41 17.50 -21.64
CA THR B 51 -6.93 18.82 -21.34
C THR B 51 -5.82 19.84 -21.43
N CYS B 52 -6.14 20.97 -22.05
CA CYS B 52 -5.24 22.10 -22.17
C CYS B 52 -5.36 22.99 -20.93
N ASN B 53 -4.30 23.08 -20.14
CA ASN B 53 -4.36 23.86 -18.90
C ASN B 53 -3.77 25.27 -19.04
N SER B 54 -3.65 25.94 -17.90
CA SER B 54 -3.25 27.34 -17.84
C SER B 54 -1.96 27.67 -18.57
N ASP B 55 -1.01 26.74 -18.49
CA ASP B 55 0.34 26.96 -19.03
C ASP B 55 0.48 26.55 -20.48
N GLY B 56 -0.66 26.29 -21.11
CA GLY B 56 -0.70 25.93 -22.52
C GLY B 56 -0.09 24.59 -22.86
N GLU B 57 -0.11 23.68 -21.88
CA GLU B 57 0.34 22.31 -22.08
C GLU B 57 -0.83 21.34 -21.97
N TRP B 58 -0.79 20.26 -22.76
CA TRP B 58 -1.80 19.21 -22.68
C TRP B 58 -1.51 18.26 -21.53
N VAL B 59 -2.48 18.08 -20.63
CA VAL B 59 -2.29 17.23 -19.46
C VAL B 59 -3.24 16.03 -19.52
N TYR B 60 -2.73 14.87 -19.14
CA TYR B 60 -3.50 13.64 -19.18
C TYR B 60 -3.01 12.73 -18.08
N ASN B 61 -3.83 11.73 -17.72
CA ASN B 61 -3.34 10.59 -16.94
C ASN B 61 -3.11 9.49 -17.95
N THR B 62 -2.43 8.43 -17.58
CA THR B 62 -2.17 7.39 -18.56
C THR B 62 -3.33 6.41 -18.65
N PHE B 63 -4.07 6.46 -19.76
CA PHE B 63 -5.32 5.70 -19.90
C PHE B 63 -5.23 4.49 -20.84
N CYS B 64 -4.04 4.18 -21.33
CA CYS B 64 -3.87 2.90 -22.03
C CYS B 64 -2.63 2.17 -21.50
N ILE B 65 -2.69 0.85 -21.41
CA ILE B 65 -1.51 0.10 -21.06
C ILE B 65 -1.25 -1.00 -22.05
N TYR B 66 -0.02 -1.50 -21.99
CA TYR B 66 0.45 -2.63 -22.79
C TYR B 66 -0.42 -3.86 -22.75
N LYS B 67 -0.76 -4.43 -23.91
CA LYS B 67 -1.43 -5.72 -23.95
C LYS B 67 -0.35 -6.75 -23.59
N ARG B 68 -0.77 -7.94 -23.17
CA ARG B 68 0.17 -8.97 -22.72
C ARG B 68 0.20 -10.18 -23.65
N CYS B 69 1.39 -10.58 -24.08
CA CYS B 69 1.53 -11.84 -24.79
C CYS B 69 1.50 -12.97 -23.78
N ARG B 70 1.23 -14.17 -24.28
CA ARG B 70 1.25 -15.36 -23.44
C ARG B 70 2.62 -16.01 -23.45
N HIS B 71 2.94 -16.77 -22.41
CA HIS B 71 4.18 -17.50 -22.40
C HIS B 71 4.10 -18.59 -23.46
N PRO B 72 5.10 -18.67 -24.34
CA PRO B 72 5.11 -19.55 -25.51
C PRO B 72 5.28 -21.03 -25.21
N GLY B 73 5.65 -21.38 -23.97
CA GLY B 73 5.80 -22.78 -23.60
C GLY B 73 7.23 -23.21 -23.33
N GLU B 74 7.42 -24.50 -23.08
CA GLU B 74 8.73 -25.02 -22.75
C GLU B 74 9.54 -25.22 -24.01
N LEU B 75 10.85 -25.05 -23.91
CA LEU B 75 11.74 -25.28 -25.03
C LEU B 75 12.49 -26.59 -24.73
N ARG B 76 12.02 -27.69 -25.30
CA ARG B 76 12.65 -29.01 -25.13
C ARG B 76 14.17 -28.89 -25.27
N ASN B 77 14.87 -29.45 -24.29
CA ASN B 77 16.32 -29.30 -24.13
C ASN B 77 16.92 -27.93 -24.49
N GLY B 78 16.21 -26.87 -24.10
CA GLY B 78 16.73 -25.52 -24.21
C GLY B 78 16.12 -24.70 -23.09
N GLN B 79 16.13 -23.37 -23.23
CA GLN B 79 15.67 -22.53 -22.14
C GLN B 79 15.04 -21.30 -22.75
N VAL B 80 13.92 -20.86 -22.17
CA VAL B 80 13.30 -19.60 -22.56
C VAL B 80 13.51 -18.55 -21.48
N GLU B 81 14.15 -17.44 -21.82
CA GLU B 81 14.42 -16.42 -20.82
C GLU B 81 13.60 -15.16 -20.94
N ILE B 82 12.82 -14.87 -19.90
CA ILE B 82 12.18 -13.58 -19.81
C ILE B 82 13.25 -12.54 -19.50
N LYS B 83 13.36 -11.52 -20.32
CA LYS B 83 14.32 -10.47 -20.08
C LYS B 83 13.60 -9.37 -19.37
N THR B 84 12.35 -9.17 -19.75
CA THR B 84 11.54 -8.13 -19.16
C THR B 84 10.23 -8.72 -18.65
N ASP B 85 9.18 -8.66 -19.46
CA ASP B 85 7.95 -9.39 -19.16
C ASP B 85 7.45 -9.95 -20.49
N LEU B 86 6.15 -10.15 -20.60
CA LEU B 86 5.59 -10.75 -21.80
C LEU B 86 4.65 -9.76 -22.44
N SER B 87 4.89 -8.48 -22.18
CA SER B 87 4.04 -7.40 -22.67
C SER B 87 4.47 -6.84 -24.02
N PHE B 88 3.55 -6.14 -24.68
CA PHE B 88 3.77 -5.53 -25.99
C PHE B 88 5.07 -4.78 -26.00
N GLY B 89 5.92 -5.08 -26.97
CA GLY B 89 7.22 -4.46 -27.07
C GLY B 89 8.37 -5.27 -26.49
N SER B 90 8.06 -6.06 -25.47
CA SER B 90 9.09 -6.83 -24.78
C SER B 90 9.70 -7.90 -25.66
N GLN B 91 10.92 -8.29 -25.32
CA GLN B 91 11.61 -9.34 -26.05
C GLN B 91 12.00 -10.46 -25.13
N ILE B 92 11.93 -11.68 -25.65
CA ILE B 92 12.42 -12.85 -24.94
C ILE B 92 13.57 -13.47 -25.74
N GLU B 93 14.37 -14.29 -25.08
CA GLU B 93 15.50 -14.93 -25.78
C GLU B 93 15.47 -16.44 -25.63
N PHE B 94 15.99 -17.13 -26.64
CA PHE B 94 16.09 -18.58 -26.61
C PHE B 94 17.55 -19.05 -26.61
N SER B 95 17.85 -20.07 -25.81
CA SER B 95 19.16 -20.72 -25.83
C SER B 95 19.00 -22.22 -25.76
N CYS B 96 19.98 -22.96 -26.26
CA CYS B 96 19.94 -24.40 -26.13
C CYS B 96 21.07 -24.84 -25.22
N SER B 97 20.91 -25.98 -24.58
CA SER B 97 21.92 -26.48 -23.65
C SER B 97 23.09 -27.20 -24.34
N GLU B 98 24.09 -27.56 -23.55
CA GLU B 98 25.16 -28.49 -23.96
C GLU B 98 26.01 -28.13 -25.18
N GLY B 99 25.45 -28.40 -26.35
CA GLY B 99 26.10 -28.18 -27.62
C GLY B 99 25.07 -28.38 -28.72
N PHE B 100 23.80 -28.30 -28.33
CA PHE B 100 22.67 -28.47 -29.24
C PHE B 100 22.64 -27.38 -30.27
N PHE B 101 22.16 -27.70 -31.46
CA PHE B 101 22.06 -26.69 -32.50
C PHE B 101 20.69 -26.02 -32.37
N LEU B 102 20.69 -24.70 -32.26
CA LEU B 102 19.45 -23.96 -32.21
C LEU B 102 19.05 -23.69 -33.66
N ILE B 103 17.92 -24.25 -34.08
CA ILE B 103 17.37 -23.87 -35.37
C ILE B 103 16.11 -23.07 -35.13
N GLY B 104 15.86 -22.10 -36.00
CA GLY B 104 14.84 -21.09 -35.75
C GLY B 104 15.46 -19.87 -35.10
N SER B 105 14.64 -18.95 -34.61
CA SER B 105 15.12 -17.69 -34.04
C SER B 105 15.66 -17.83 -32.62
N THR B 106 16.67 -17.03 -32.31
CA THR B 106 17.21 -16.98 -30.96
C THR B 106 16.46 -15.95 -30.11
N THR B 107 15.64 -15.11 -30.75
CA THR B 107 14.79 -14.15 -30.04
C THR B 107 13.34 -14.10 -30.56
N SER B 108 12.47 -13.46 -29.78
CA SER B 108 11.10 -13.20 -30.19
C SER B 108 10.56 -11.92 -29.54
N ARG B 109 9.76 -11.16 -30.29
CA ARG B 109 9.19 -9.92 -29.76
C ARG B 109 7.68 -10.05 -29.60
N CYS B 110 7.16 -9.48 -28.52
CA CYS B 110 5.71 -9.36 -28.35
C CYS B 110 5.27 -8.18 -29.21
N GLU B 111 4.53 -8.48 -30.28
CA GLU B 111 4.25 -7.50 -31.32
C GLU B 111 2.78 -7.50 -31.68
N VAL B 112 2.32 -6.45 -32.35
CA VAL B 112 0.94 -6.40 -32.84
C VAL B 112 0.68 -7.46 -33.87
N GLN B 113 -0.41 -8.19 -33.69
CA GLN B 113 -0.87 -9.18 -34.66
C GLN B 113 -2.36 -9.00 -34.83
N ASP B 114 -2.72 -8.38 -35.95
CA ASP B 114 -4.08 -8.15 -36.45
C ASP B 114 -4.90 -7.41 -35.38
N ARG B 115 -5.66 -8.08 -34.53
CA ARG B 115 -6.41 -7.40 -33.49
C ARG B 115 -5.99 -7.72 -32.08
N GLY B 116 -4.86 -8.39 -31.96
CA GLY B 116 -4.26 -8.62 -30.66
C GLY B 116 -2.77 -8.39 -30.67
N VAL B 117 -2.09 -9.12 -29.81
CA VAL B 117 -0.64 -9.02 -29.71
C VAL B 117 -0.08 -10.45 -29.72
N GLY B 118 1.12 -10.64 -30.24
CA GLY B 118 1.62 -12.00 -30.44
C GLY B 118 3.12 -12.06 -30.58
N TRP B 119 3.65 -13.27 -30.73
CA TRP B 119 5.10 -13.42 -30.83
C TRP B 119 5.59 -13.31 -32.28
N SER B 120 6.61 -12.49 -32.50
CA SER B 120 7.20 -12.37 -33.82
C SER B 120 7.74 -13.71 -34.31
N HIS B 121 8.52 -14.38 -33.47
CA HIS B 121 9.06 -15.69 -33.83
C HIS B 121 8.65 -16.75 -32.82
N PRO B 122 8.36 -17.98 -33.31
CA PRO B 122 7.93 -19.10 -32.47
C PRO B 122 9.10 -19.74 -31.72
N LEU B 123 8.81 -20.76 -30.90
CA LEU B 123 9.86 -21.50 -30.21
C LEU B 123 10.78 -22.18 -31.20
N PRO B 124 12.10 -22.02 -30.99
CA PRO B 124 13.09 -22.73 -31.81
C PRO B 124 13.13 -24.21 -31.47
N GLN B 125 14.03 -24.94 -32.11
CA GLN B 125 14.24 -26.33 -31.75
C GLN B 125 15.68 -26.56 -31.36
N CYS B 126 15.93 -27.57 -30.55
CA CYS B 126 17.28 -27.89 -30.11
C CYS B 126 17.55 -29.31 -30.58
N GLU B 127 18.53 -29.46 -31.48
CA GLU B 127 18.72 -30.73 -32.17
C GLU B 127 20.13 -31.33 -32.10
N ILE B 128 20.29 -32.50 -32.72
CA ILE B 128 21.55 -33.22 -32.79
C ILE B 128 22.20 -33.40 -31.42
N ILE C 9 15.78 -15.63 -14.27
CA ILE C 9 15.15 -16.76 -13.60
C ILE C 9 14.13 -16.26 -12.52
N SER C 10 14.51 -15.20 -11.81
CA SER C 10 13.65 -14.56 -10.81
C SER C 10 12.57 -13.73 -11.53
N GLN C 11 12.77 -13.52 -12.83
CA GLN C 11 11.84 -12.70 -13.62
C GLN C 11 10.46 -13.33 -13.70
N GLU C 12 10.41 -14.67 -13.75
CA GLU C 12 9.18 -15.43 -13.74
C GLU C 12 8.44 -15.16 -12.44
N SER C 13 9.16 -15.18 -11.33
CA SER C 13 8.56 -14.93 -10.04
C SER C 13 8.09 -13.49 -9.98
N LYS C 14 8.87 -12.59 -10.57
CA LYS C 14 8.47 -11.20 -10.56
C LYS C 14 7.18 -10.96 -11.37
N LEU C 15 7.04 -11.66 -12.50
CA LEU C 15 5.88 -11.56 -13.40
C LEU C 15 4.64 -12.14 -12.78
N ILE C 16 4.82 -13.29 -12.14
CA ILE C 16 3.74 -13.97 -11.43
C ILE C 16 3.17 -13.02 -10.38
N ASN C 17 4.07 -12.39 -9.64
CA ASN C 17 3.65 -11.44 -8.62
C ASN C 17 2.99 -10.21 -9.28
N THR C 18 3.57 -9.72 -10.38
CA THR C 18 3.00 -8.59 -11.12
C THR C 18 1.57 -8.91 -11.57
N LEU C 19 1.38 -10.09 -12.15
CA LEU C 19 0.08 -10.51 -12.63
C LEU C 19 -0.91 -10.78 -11.49
N THR C 20 -0.41 -11.34 -10.40
CA THR C 20 -1.22 -11.64 -9.24
C THR C 20 -1.75 -10.35 -8.61
N ASP C 21 -0.91 -9.32 -8.54
CA ASP C 21 -1.31 -8.04 -7.96
C ASP C 21 -2.31 -7.34 -8.87
N GLU C 22 -2.10 -7.47 -10.18
CA GLU C 22 -2.97 -6.84 -11.16
C GLU C 22 -4.34 -7.47 -11.09
N ASN C 23 -4.36 -8.79 -10.98
CA ASN C 23 -5.60 -9.52 -10.96
C ASN C 23 -6.45 -9.06 -9.78
N GLU C 24 -5.80 -8.83 -8.64
CA GLU C 24 -6.52 -8.38 -7.45
C GLU C 24 -7.06 -7.00 -7.70
N LYS C 25 -6.22 -6.12 -8.23
CA LYS C 25 -6.65 -4.74 -8.42
C LYS C 25 -7.73 -4.58 -9.51
N LEU C 26 -7.71 -5.43 -10.52
CA LEU C 26 -8.65 -5.35 -11.60
C LEU C 26 -9.99 -5.78 -10.99
N ARG C 27 -9.95 -6.76 -10.11
CA ARG C 27 -11.15 -7.19 -9.40
C ARG C 27 -11.69 -6.09 -8.46
N GLU C 28 -10.80 -5.37 -7.79
CA GLU C 28 -11.27 -4.26 -6.98
C GLU C 28 -11.89 -3.17 -7.86
N GLU C 29 -11.25 -2.94 -9.01
CA GLU C 29 -11.68 -1.91 -9.92
C GLU C 29 -13.08 -2.20 -10.42
N LEU C 30 -13.35 -3.48 -10.71
CA LEU C 30 -14.67 -3.85 -11.18
C LEU C 30 -15.73 -3.58 -10.12
N GLN C 31 -15.39 -3.79 -8.85
CA GLN C 31 -16.38 -3.58 -7.80
C GLN C 31 -16.66 -2.11 -7.63
N GLN C 32 -15.63 -1.30 -7.79
CA GLN C 32 -15.77 0.14 -7.71
C GLN C 32 -16.74 0.68 -8.76
N TYR C 33 -16.65 0.17 -9.98
CA TYR C 33 -17.59 0.58 -11.03
C TYR C 33 -18.97 0.05 -10.74
N TYR C 34 -19.06 -1.18 -10.25
CA TYR C 34 -20.35 -1.76 -9.89
C TYR C 34 -21.03 -0.87 -8.89
N ALA C 35 -20.27 -0.33 -7.95
CA ALA C 35 -20.84 0.52 -6.93
C ALA C 35 -21.44 1.79 -7.56
N LEU C 36 -20.87 2.22 -8.68
CA LEU C 36 -21.36 3.40 -9.39
C LEU C 36 -22.34 2.98 -10.47
N SER D 4 -32.90 3.66 13.39
CA SER D 4 -33.12 3.67 11.95
C SER D 4 -32.11 4.57 11.27
N ASN D 5 -30.90 4.57 11.80
CA ASN D 5 -29.88 5.49 11.33
C ASN D 5 -29.07 5.04 10.11
N CYS D 6 -29.04 3.74 9.80
CA CYS D 6 -28.21 3.31 8.67
C CYS D 6 -28.91 3.35 7.33
N GLY D 7 -28.13 3.69 6.30
CA GLY D 7 -28.58 3.68 4.91
C GLY D 7 -28.13 2.38 4.28
N PRO D 8 -28.17 2.31 2.95
CA PRO D 8 -27.70 1.11 2.25
C PRO D 8 -26.20 0.86 2.52
N PRO D 9 -25.80 -0.42 2.57
CA PRO D 9 -24.43 -0.79 2.91
C PRO D 9 -23.46 -0.43 1.80
N PRO D 10 -22.20 -0.18 2.13
CA PRO D 10 -21.25 0.15 1.07
C PRO D 10 -21.08 -1.06 0.18
N THR D 11 -20.60 -0.83 -1.04
CA THR D 11 -20.20 -1.94 -1.89
C THR D 11 -18.79 -2.39 -1.50
N LEU D 12 -18.61 -3.68 -1.30
CA LEU D 12 -17.32 -4.16 -0.83
C LEU D 12 -16.59 -4.83 -1.97
N SER D 13 -15.27 -4.86 -1.87
CA SER D 13 -14.42 -5.49 -2.88
C SER D 13 -14.36 -7.01 -2.73
N PHE D 14 -14.70 -7.51 -1.54
CA PHE D 14 -14.52 -8.93 -1.22
C PHE D 14 -15.82 -9.74 -0.99
N ALA D 15 -16.93 -9.07 -0.77
CA ALA D 15 -18.17 -9.80 -0.46
C ALA D 15 -19.38 -9.15 -1.08
N ALA D 16 -20.43 -9.95 -1.25
CA ALA D 16 -21.70 -9.45 -1.74
C ALA D 16 -22.82 -9.84 -0.78
N PRO D 17 -23.89 -9.03 -0.76
CA PRO D 17 -24.98 -9.37 0.13
C PRO D 17 -25.70 -10.61 -0.33
N MET D 18 -26.03 -11.52 0.57
CA MET D 18 -27.01 -12.53 0.23
C MET D 18 -28.36 -11.82 0.35
N ASP D 19 -29.31 -12.12 -0.50
CA ASP D 19 -30.58 -11.37 -0.51
C ASP D 19 -30.41 -9.86 -0.72
N ILE D 20 -30.43 -9.48 -1.99
CA ILE D 20 -30.31 -8.10 -2.40
C ILE D 20 -31.69 -7.49 -2.63
N THR D 21 -32.74 -8.15 -2.17
CA THR D 21 -34.06 -7.57 -2.39
C THR D 21 -34.32 -6.48 -1.36
N LEU D 22 -35.20 -6.73 -0.39
CA LEU D 22 -35.40 -5.83 0.75
C LEU D 22 -35.88 -4.42 0.33
N THR D 23 -35.13 -3.77 -0.57
CA THR D 23 -35.35 -2.38 -0.99
C THR D 23 -35.51 -1.30 0.09
N GLU D 24 -35.52 -1.69 1.36
CA GLU D 24 -35.46 -0.69 2.41
C GLU D 24 -34.18 0.13 2.36
N THR D 25 -34.35 1.45 2.37
CA THR D 25 -33.25 2.41 2.18
C THR D 25 -32.68 2.78 3.54
N ARG D 26 -33.46 2.53 4.59
CA ARG D 26 -33.02 2.82 5.95
C ARG D 26 -33.11 1.58 6.83
N PHE D 27 -32.08 1.35 7.63
CA PHE D 27 -32.02 0.17 8.48
C PHE D 27 -31.81 0.53 9.94
N LYS D 28 -32.54 -0.18 10.80
CA LYS D 28 -32.54 0.08 12.23
C LYS D 28 -31.18 -0.22 12.82
N THR D 29 -30.84 0.48 13.90
CA THR D 29 -29.59 0.19 14.59
C THR D 29 -29.64 -1.26 15.06
N GLY D 30 -28.63 -2.05 14.69
CA GLY D 30 -28.55 -3.43 15.12
C GLY D 30 -28.80 -4.49 14.06
N THR D 31 -29.31 -4.07 12.89
CA THR D 31 -29.65 -5.02 11.84
C THR D 31 -28.40 -5.60 11.23
N THR D 32 -28.45 -6.89 10.92
CA THR D 32 -27.34 -7.55 10.28
C THR D 32 -27.68 -8.13 8.92
N LEU D 33 -26.77 -7.93 7.98
CA LEU D 33 -26.95 -8.46 6.65
C LEU D 33 -25.91 -9.56 6.40
N LYS D 34 -26.36 -10.68 5.82
CA LYS D 34 -25.50 -11.80 5.55
C LYS D 34 -24.79 -11.61 4.22
N TYR D 35 -23.48 -11.88 4.21
CA TYR D 35 -22.69 -11.71 3.00
C TYR D 35 -22.06 -13.02 2.52
N THR D 36 -21.70 -13.04 1.26
CA THR D 36 -21.01 -14.19 0.69
C THR D 36 -19.78 -13.68 -0.10
N CYS D 37 -18.72 -14.48 -0.11
CA CYS D 37 -17.50 -14.08 -0.79
C CYS D 37 -17.68 -13.95 -2.29
N LEU D 38 -17.18 -12.85 -2.84
CA LEU D 38 -17.10 -12.72 -4.30
C LEU D 38 -16.09 -13.70 -4.86
N PRO D 39 -16.25 -14.06 -6.13
CA PRO D 39 -15.26 -14.99 -6.68
C PRO D 39 -13.86 -14.41 -6.62
N GLY D 40 -12.89 -15.29 -6.38
CA GLY D 40 -11.51 -14.87 -6.22
C GLY D 40 -11.15 -14.57 -4.77
N TYR D 41 -12.16 -14.59 -3.90
CA TYR D 41 -11.94 -14.30 -2.49
C TYR D 41 -12.27 -15.51 -1.61
N VAL D 42 -11.63 -15.64 -0.45
CA VAL D 42 -11.95 -16.76 0.44
C VAL D 42 -12.40 -16.27 1.82
N ARG D 43 -13.26 -17.07 2.45
CA ARG D 43 -13.76 -16.78 3.79
C ARG D 43 -12.61 -16.76 4.82
N SER D 44 -12.53 -15.68 5.58
CA SER D 44 -11.44 -15.51 6.54
C SER D 44 -11.89 -15.55 8.00
N HIS D 45 -13.17 -15.28 8.24
CA HIS D 45 -13.73 -15.20 9.58
C HIS D 45 -15.00 -16.01 9.60
N SER D 46 -15.42 -16.41 10.79
CA SER D 46 -16.71 -17.07 10.95
C SER D 46 -17.87 -16.14 10.57
N THR D 47 -17.82 -14.93 11.12
CA THR D 47 -18.89 -13.98 10.95
C THR D 47 -18.71 -13.23 9.64
N GLN D 48 -19.68 -13.41 8.74
CA GLN D 48 -19.69 -12.76 7.43
C GLN D 48 -20.87 -11.80 7.33
N THR D 49 -20.92 -10.83 8.24
CA THR D 49 -22.04 -9.92 8.30
C THR D 49 -21.61 -8.47 8.31
N LEU D 50 -22.54 -7.60 7.93
CA LEU D 50 -22.44 -6.18 8.21
C LEU D 50 -23.50 -5.79 9.23
N THR D 51 -23.11 -4.98 10.21
CA THR D 51 -24.03 -4.55 11.26
C THR D 51 -24.17 -3.04 11.26
N CYS D 52 -25.40 -2.57 11.45
CA CYS D 52 -25.67 -1.14 11.54
C CYS D 52 -25.52 -0.67 12.99
N ASN D 53 -24.59 0.24 13.24
CA ASN D 53 -24.41 0.64 14.63
C ASN D 53 -25.18 1.91 14.95
N SER D 54 -24.98 2.38 16.17
CA SER D 54 -25.70 3.54 16.68
C SER D 54 -25.54 4.78 15.77
N ASP D 55 -24.35 4.94 15.18
CA ASP D 55 -24.07 6.15 14.39
C ASP D 55 -24.45 6.03 12.91
N GLY D 56 -25.19 5.00 12.55
CA GLY D 56 -25.62 4.84 11.17
C GLY D 56 -24.52 4.48 10.18
N GLU D 57 -23.46 3.85 10.68
CA GLU D 57 -22.40 3.33 9.81
C GLU D 57 -22.48 1.81 9.87
N TRP D 58 -22.11 1.16 8.78
CA TRP D 58 -22.04 -0.30 8.78
C TRP D 58 -20.71 -0.79 9.36
N VAL D 59 -20.77 -1.71 10.31
CA VAL D 59 -19.55 -2.19 10.92
C VAL D 59 -19.31 -3.65 10.57
N TYR D 60 -18.08 -3.93 10.15
CA TYR D 60 -17.65 -5.26 9.76
C TYR D 60 -16.13 -5.37 9.86
N ASN D 61 -15.65 -6.60 9.91
CA ASN D 61 -14.23 -6.85 9.68
C ASN D 61 -14.06 -7.38 8.28
N THR D 62 -12.82 -7.56 7.83
CA THR D 62 -12.64 -8.08 6.50
C THR D 62 -12.75 -9.60 6.56
N PHE D 63 -13.90 -10.14 6.15
CA PHE D 63 -14.15 -11.57 6.36
C PHE D 63 -13.99 -12.41 5.10
N CYS D 64 -13.59 -11.78 4.00
CA CYS D 64 -13.17 -12.50 2.80
C CYS D 64 -11.89 -11.85 2.32
N ILE D 65 -10.94 -12.66 1.87
CA ILE D 65 -9.68 -12.11 1.39
C ILE D 65 -9.32 -12.68 0.04
N TYR D 66 -8.54 -11.93 -0.73
CA TYR D 66 -8.07 -12.38 -2.05
C TYR D 66 -7.37 -13.74 -1.89
N LYS D 67 -7.76 -14.70 -2.72
CA LYS D 67 -7.31 -16.09 -2.58
C LYS D 67 -5.89 -16.45 -3.02
N ARG D 68 -5.17 -15.53 -3.67
CA ARG D 68 -3.86 -15.93 -4.18
C ARG D 68 -2.66 -15.31 -3.48
N CYS D 69 -1.75 -16.20 -3.07
CA CYS D 69 -0.47 -15.82 -2.51
C CYS D 69 0.47 -15.37 -3.64
N ARG D 70 1.50 -14.64 -3.26
CA ARG D 70 2.53 -14.19 -4.18
C ARG D 70 3.64 -15.24 -4.18
N HIS D 71 4.49 -15.28 -5.21
CA HIS D 71 5.64 -16.18 -5.21
C HIS D 71 6.64 -15.73 -4.16
N PRO D 72 7.08 -16.67 -3.31
CA PRO D 72 7.91 -16.31 -2.15
C PRO D 72 9.33 -15.89 -2.51
N GLY D 73 9.74 -16.11 -3.75
CA GLY D 73 11.07 -15.69 -4.18
C GLY D 73 12.02 -16.83 -4.48
N GLU D 74 13.26 -16.51 -4.83
CA GLU D 74 14.21 -17.52 -5.24
C GLU D 74 14.85 -18.17 -4.02
N LEU D 75 15.18 -19.45 -4.14
CA LEU D 75 15.82 -20.16 -3.04
C LEU D 75 17.28 -20.38 -3.40
N ARG D 76 18.12 -19.48 -2.92
CA ARG D 76 19.55 -19.53 -3.12
C ARG D 76 20.11 -20.92 -2.82
N ASN D 77 20.82 -21.46 -3.82
CA ASN D 77 21.39 -22.80 -3.81
C ASN D 77 20.36 -23.93 -3.96
N GLY D 78 19.10 -23.58 -4.16
CA GLY D 78 18.04 -24.55 -4.31
C GLY D 78 16.86 -24.20 -5.21
N GLN D 79 15.70 -24.78 -4.91
CA GLN D 79 14.55 -24.77 -5.79
C GLN D 79 13.19 -24.58 -5.09
N VAL D 80 12.39 -23.66 -5.63
CA VAL D 80 11.01 -23.52 -5.17
C VAL D 80 10.11 -24.05 -6.28
N GLU D 81 9.43 -25.15 -6.00
CA GLU D 81 8.61 -25.77 -7.03
C GLU D 81 7.11 -25.60 -6.81
N ILE D 82 6.43 -24.99 -7.78
CA ILE D 82 4.97 -24.96 -7.78
C ILE D 82 4.41 -26.34 -8.11
N LYS D 83 3.47 -26.81 -7.31
CA LYS D 83 2.87 -28.12 -7.56
C LYS D 83 1.57 -27.95 -8.34
N THR D 84 0.82 -26.92 -7.99
CA THR D 84 -0.43 -26.60 -8.68
C THR D 84 -0.36 -25.13 -9.07
N ASP D 85 -0.84 -24.26 -8.18
CA ASP D 85 -0.67 -22.83 -8.35
C ASP D 85 -0.20 -22.26 -7.03
N LEU D 86 -0.48 -20.98 -6.79
CA LEU D 86 -0.08 -20.33 -5.54
C LEU D 86 -1.34 -19.89 -4.79
N SER D 87 -2.45 -20.57 -5.02
CA SER D 87 -3.73 -20.16 -4.44
C SER D 87 -3.93 -20.76 -3.05
N PHE D 88 -4.85 -20.15 -2.31
CA PHE D 88 -5.21 -20.60 -0.97
C PHE D 88 -5.38 -22.10 -0.90
N GLY D 89 -4.68 -22.74 0.03
CA GLY D 89 -4.74 -24.18 0.16
C GLY D 89 -3.60 -24.88 -0.54
N SER D 90 -3.09 -24.30 -1.62
CA SER D 90 -2.04 -24.97 -2.38
C SER D 90 -0.72 -25.03 -1.61
N GLN D 91 0.09 -26.01 -1.97
CA GLN D 91 1.37 -26.20 -1.33
C GLN D 91 2.52 -26.12 -2.32
N ILE D 92 3.63 -25.56 -1.86
CA ILE D 92 4.87 -25.57 -2.62
C ILE D 92 5.91 -26.36 -1.84
N GLU D 93 6.93 -26.83 -2.55
CA GLU D 93 7.97 -27.63 -1.93
C GLU D 93 9.34 -26.99 -2.12
N PHE D 94 10.21 -27.17 -1.15
CA PHE D 94 11.54 -26.64 -1.24
C PHE D 94 12.51 -27.80 -1.27
N SER D 95 13.52 -27.71 -2.14
CA SER D 95 14.61 -28.68 -2.13
C SER D 95 15.92 -27.92 -2.32
N CYS D 96 17.02 -28.51 -1.87
CA CYS D 96 18.30 -27.89 -2.10
C CYS D 96 19.07 -28.74 -3.08
N SER D 97 19.92 -28.08 -3.86
CA SER D 97 20.74 -28.76 -4.87
C SER D 97 22.01 -29.34 -4.25
N GLU D 98 22.80 -30.03 -5.08
CA GLU D 98 24.13 -30.50 -4.68
C GLU D 98 24.04 -31.41 -3.46
N GLY D 99 24.66 -30.99 -2.38
CA GLY D 99 24.70 -31.71 -1.12
C GLY D 99 24.34 -30.74 0.00
N PHE D 100 23.70 -29.63 -0.36
CA PHE D 100 23.31 -28.63 0.62
C PHE D 100 22.30 -29.14 1.61
N PHE D 101 22.46 -28.68 2.85
CA PHE D 101 21.56 -29.06 3.91
C PHE D 101 20.47 -28.03 4.05
N LEU D 102 19.23 -28.48 3.95
CA LEU D 102 18.04 -27.61 4.06
C LEU D 102 17.63 -27.45 5.50
N ILE D 103 17.68 -26.21 6.02
CA ILE D 103 17.14 -25.98 7.35
C ILE D 103 15.85 -25.18 7.27
N GLY D 104 14.92 -25.42 8.19
CA GLY D 104 13.58 -24.90 8.06
C GLY D 104 12.64 -25.91 7.40
N SER D 105 11.46 -25.43 6.99
CA SER D 105 10.42 -26.29 6.45
C SER D 105 10.70 -26.74 5.01
N THR D 106 10.25 -27.94 4.65
CA THR D 106 10.38 -28.43 3.28
C THR D 106 9.16 -28.06 2.41
N THR D 107 8.07 -27.67 3.05
CA THR D 107 6.87 -27.26 2.32
C THR D 107 6.29 -26.00 2.90
N SER D 108 5.39 -25.38 2.14
CA SER D 108 4.64 -24.25 2.62
C SER D 108 3.27 -24.24 1.96
N ARG D 109 2.25 -23.89 2.74
CA ARG D 109 0.89 -23.83 2.22
C ARG D 109 0.41 -22.38 2.21
N CYS D 110 -0.29 -22.01 1.16
CA CYS D 110 -0.93 -20.71 1.10
C CYS D 110 -2.14 -20.72 2.01
N GLU D 111 -2.07 -19.91 3.06
CA GLU D 111 -3.05 -19.99 4.14
C GLU D 111 -3.61 -18.62 4.51
N VAL D 112 -4.74 -18.63 5.22
CA VAL D 112 -5.32 -17.42 5.81
C VAL D 112 -4.39 -16.84 6.88
N GLN D 113 -4.10 -15.54 6.82
CA GLN D 113 -3.32 -14.86 7.85
C GLN D 113 -3.99 -13.52 8.16
N ASP D 114 -3.30 -12.66 8.92
CA ASP D 114 -3.63 -11.22 9.17
C ASP D 114 -4.83 -10.63 8.41
N ARG D 115 -4.58 -9.64 7.54
CA ARG D 115 -5.63 -9.10 6.65
C ARG D 115 -5.33 -9.47 5.21
N GLY D 116 -4.42 -10.43 5.03
CA GLY D 116 -4.23 -11.04 3.72
C GLY D 116 -4.15 -12.55 3.76
N VAL D 117 -3.46 -13.10 2.77
CA VAL D 117 -3.29 -14.54 2.63
C VAL D 117 -1.78 -14.72 2.52
N GLY D 118 -1.27 -15.82 3.00
CA GLY D 118 0.17 -15.94 3.11
C GLY D 118 0.69 -17.35 3.26
N TRP D 119 2.00 -17.46 3.32
CA TRP D 119 2.63 -18.75 3.40
C TRP D 119 2.72 -19.21 4.84
N SER D 120 2.33 -20.45 5.07
CA SER D 120 2.41 -21.04 6.39
C SER D 120 3.85 -20.99 6.88
N HIS D 121 4.78 -21.45 6.04
CA HIS D 121 6.21 -21.46 6.36
C HIS D 121 7.03 -20.65 5.37
N PRO D 122 8.09 -19.99 5.85
CA PRO D 122 8.95 -19.19 4.97
C PRO D 122 9.91 -20.03 4.13
N LEU D 123 10.65 -19.39 3.24
CA LEU D 123 11.67 -20.10 2.47
C LEU D 123 12.76 -20.58 3.42
N PRO D 124 13.17 -21.84 3.30
CA PRO D 124 14.26 -22.38 4.09
C PRO D 124 15.59 -21.81 3.60
N GLN D 125 16.71 -22.30 4.14
CA GLN D 125 18.01 -21.92 3.63
C GLN D 125 18.76 -23.16 3.19
N CYS D 126 19.68 -22.98 2.25
CA CYS D 126 20.50 -24.06 1.73
C CYS D 126 21.92 -23.74 2.01
N GLU D 127 22.49 -24.31 3.07
CA GLU D 127 23.85 -23.94 3.46
C GLU D 127 24.75 -25.14 3.62
N ILE D 128 26.04 -24.84 3.75
CA ILE D 128 27.10 -25.82 3.92
C ILE D 128 27.04 -26.94 2.90
N ASN E 5 -18.13 23.76 -17.14
CA ASN E 5 -19.31 23.60 -16.29
C ASN E 5 -19.09 22.69 -15.06
N CYS E 6 -17.97 22.87 -14.34
CA CYS E 6 -17.67 22.07 -13.12
C CYS E 6 -18.22 22.68 -11.84
N GLY E 7 -18.41 21.81 -10.87
CA GLY E 7 -18.79 22.20 -9.52
C GLY E 7 -17.54 22.37 -8.67
N PRO E 8 -17.70 22.43 -7.34
CA PRO E 8 -16.56 22.71 -6.46
C PRO E 8 -15.44 21.70 -6.61
N PRO E 9 -14.19 22.16 -6.45
CA PRO E 9 -13.00 21.34 -6.66
C PRO E 9 -12.86 20.32 -5.55
N PRO E 10 -12.23 19.18 -5.84
CA PRO E 10 -12.11 18.19 -4.77
C PRO E 10 -11.16 18.71 -3.69
N THR E 11 -11.27 18.18 -2.48
CA THR E 11 -10.28 18.46 -1.44
C THR E 11 -9.13 17.51 -1.70
N LEU E 12 -7.90 18.03 -1.66
CA LEU E 12 -6.72 17.21 -1.94
C LEU E 12 -5.98 16.90 -0.64
N SER E 13 -5.26 15.79 -0.59
CA SER E 13 -4.52 15.49 0.62
C SER E 13 -3.23 16.33 0.70
N PHE E 14 -2.79 16.92 -0.41
CA PHE E 14 -1.48 17.58 -0.43
C PHE E 14 -1.49 19.09 -0.58
N ALA E 15 -2.63 19.64 -0.96
CA ALA E 15 -2.72 21.08 -1.23
C ALA E 15 -4.08 21.67 -0.91
N ALA E 16 -4.07 22.99 -0.72
CA ALA E 16 -5.27 23.77 -0.53
C ALA E 16 -5.26 24.94 -1.54
N PRO E 17 -6.45 25.49 -1.86
CA PRO E 17 -6.49 26.61 -2.80
C PRO E 17 -5.80 27.84 -2.21
N MET E 18 -5.05 28.57 -3.03
CA MET E 18 -4.41 29.81 -2.60
C MET E 18 -5.41 30.91 -2.29
N ASP E 19 -6.57 30.86 -2.93
CA ASP E 19 -7.61 31.85 -2.71
C ASP E 19 -8.43 31.37 -1.52
N ILE E 20 -8.66 32.21 -0.53
CA ILE E 20 -9.43 31.75 0.62
C ILE E 20 -10.91 31.90 0.23
N THR E 21 -11.24 31.18 -0.84
CA THR E 21 -12.55 31.00 -1.47
C THR E 21 -13.45 32.22 -1.68
N LEU E 22 -14.43 31.97 -2.54
CA LEU E 22 -15.56 32.85 -2.82
C LEU E 22 -16.80 32.02 -2.57
N THR E 23 -16.51 30.78 -2.23
CA THR E 23 -17.46 29.69 -2.19
C THR E 23 -18.37 29.78 -3.43
N GLU E 24 -17.78 30.06 -4.58
CA GLU E 24 -18.49 29.89 -5.83
C GLU E 24 -18.69 28.39 -6.01
N THR E 25 -19.90 27.94 -6.29
CA THR E 25 -20.15 26.51 -6.33
C THR E 25 -19.98 25.97 -7.73
N ARG E 26 -20.02 26.84 -8.72
CA ARG E 26 -19.96 26.45 -10.11
C ARG E 26 -18.86 27.21 -10.85
N PHE E 27 -18.14 26.52 -11.73
CA PHE E 27 -17.06 27.15 -12.48
C PHE E 27 -17.15 26.87 -13.96
N LYS E 28 -16.95 27.91 -14.77
CA LYS E 28 -17.01 27.76 -16.21
C LYS E 28 -15.78 27.00 -16.75
N THR E 29 -15.92 26.35 -17.89
CA THR E 29 -14.80 25.63 -18.50
C THR E 29 -13.61 26.55 -18.72
N GLY E 30 -12.46 26.19 -18.18
CA GLY E 30 -11.29 27.02 -18.36
C GLY E 30 -10.85 27.74 -17.11
N THR E 31 -11.69 27.76 -16.08
CA THR E 31 -11.26 28.43 -14.86
C THR E 31 -10.11 27.64 -14.27
N THR E 32 -9.09 28.35 -13.84
CA THR E 32 -7.97 27.70 -13.22
C THR E 32 -7.79 28.25 -11.82
N LEU E 33 -7.53 27.38 -10.85
CA LEU E 33 -7.35 27.79 -9.46
C LEU E 33 -5.91 27.57 -9.02
N LYS E 34 -5.32 28.58 -8.40
CA LYS E 34 -3.96 28.40 -7.90
C LYS E 34 -3.99 27.73 -6.53
N TYR E 35 -3.13 26.74 -6.37
CA TYR E 35 -3.01 25.97 -5.13
C TYR E 35 -1.64 26.13 -4.50
N THR E 36 -1.57 25.92 -3.20
CA THR E 36 -0.28 25.94 -2.56
C THR E 36 -0.16 24.68 -1.69
N CYS E 37 1.05 24.24 -1.47
CA CYS E 37 1.29 23.03 -0.68
C CYS E 37 0.79 23.15 0.75
N LEU E 38 0.18 22.09 1.27
CA LEU E 38 -0.10 21.99 2.71
C LEU E 38 1.22 21.90 3.47
N PRO E 39 1.21 22.25 4.77
CA PRO E 39 2.46 22.12 5.52
C PRO E 39 2.92 20.66 5.60
N GLY E 40 4.22 20.42 5.52
CA GLY E 40 4.70 19.05 5.52
C GLY E 40 4.81 18.49 4.12
N TYR E 41 4.35 19.28 3.15
CA TYR E 41 4.40 18.88 1.77
C TYR E 41 5.31 19.84 0.99
N VAL E 42 5.98 19.34 -0.04
CA VAL E 42 6.87 20.18 -0.82
C VAL E 42 6.50 20.16 -2.29
N ARG E 43 6.80 21.25 -3.00
CA ARG E 43 6.49 21.33 -4.41
C ARG E 43 7.09 20.18 -5.21
N SER E 44 6.23 19.54 -6.01
CA SER E 44 6.62 18.41 -6.82
C SER E 44 6.62 18.76 -8.33
N HIS E 45 5.84 19.78 -8.73
CA HIS E 45 5.71 20.26 -10.13
C HIS E 45 5.69 21.78 -10.19
N SER E 46 6.09 22.35 -11.32
CA SER E 46 5.99 23.79 -11.49
C SER E 46 4.52 24.21 -11.41
N THR E 47 3.69 23.46 -12.12
CA THR E 47 2.26 23.77 -12.22
C THR E 47 1.47 23.26 -11.04
N GLN E 48 0.99 24.19 -10.23
CA GLN E 48 0.19 23.90 -9.04
C GLN E 48 -1.24 24.41 -9.21
N THR E 49 -1.91 23.91 -10.23
CA THR E 49 -3.25 24.37 -10.53
C THR E 49 -4.25 23.24 -10.72
N LEU E 50 -5.52 23.60 -10.53
CA LEU E 50 -6.63 22.82 -11.05
C LEU E 50 -7.28 23.66 -12.15
N THR E 51 -7.60 23.04 -13.28
CA THR E 51 -8.32 23.77 -14.30
C THR E 51 -9.58 22.98 -14.55
N CYS E 52 -10.66 23.70 -14.79
CA CYS E 52 -11.96 23.16 -15.11
C CYS E 52 -12.07 22.88 -16.61
N ASN E 53 -12.25 21.62 -17.01
CA ASN E 53 -12.29 21.34 -18.45
C ASN E 53 -13.69 21.22 -19.06
N SER E 54 -13.75 20.99 -20.38
CA SER E 54 -15.02 20.94 -21.13
C SER E 54 -16.00 19.96 -20.54
N ASP E 55 -15.46 18.88 -19.99
CA ASP E 55 -16.27 17.79 -19.47
C ASP E 55 -16.63 17.99 -17.99
N GLY E 56 -16.37 19.19 -17.47
CA GLY E 56 -16.72 19.55 -16.10
C GLY E 56 -16.03 18.82 -14.95
N GLU E 57 -14.84 18.35 -15.24
CA GLU E 57 -14.01 17.68 -14.24
C GLU E 57 -12.76 18.53 -13.98
N TRP E 58 -12.29 18.53 -12.74
CA TRP E 58 -11.06 19.24 -12.39
C TRP E 58 -9.87 18.39 -12.77
N VAL E 59 -8.94 18.97 -13.51
CA VAL E 59 -7.77 18.20 -13.95
C VAL E 59 -6.50 18.75 -13.28
N TYR E 60 -5.69 17.84 -12.75
CA TYR E 60 -4.45 18.21 -12.07
C TYR E 60 -3.47 17.06 -11.98
N ASN E 61 -2.19 17.39 -11.75
CA ASN E 61 -1.17 16.41 -11.40
C ASN E 61 -0.96 16.39 -9.90
N THR E 62 -0.16 15.47 -9.38
CA THR E 62 0.11 15.55 -7.96
C THR E 62 1.30 16.49 -7.84
N PHE E 63 1.05 17.73 -7.42
CA PHE E 63 2.11 18.73 -7.49
C PHE E 63 2.70 19.04 -6.13
N CYS E 64 2.23 18.34 -5.11
CA CYS E 64 2.88 18.38 -3.80
C CYS E 64 3.02 16.96 -3.26
N ILE E 65 4.14 16.71 -2.60
CA ILE E 65 4.36 15.41 -1.99
C ILE E 65 4.79 15.57 -0.55
N TYR E 66 4.48 14.56 0.26
CA TYR E 66 4.90 14.52 1.67
C TYR E 66 6.42 14.68 1.71
N LYS E 67 6.90 15.60 2.55
CA LYS E 67 8.31 15.96 2.55
C LYS E 67 9.33 14.99 3.19
N ARG E 68 8.89 13.94 3.88
CA ARG E 68 9.83 13.10 4.64
C ARG E 68 10.11 11.73 4.07
N CYS E 69 11.40 11.46 3.86
CA CYS E 69 11.85 10.17 3.37
C CYS E 69 11.75 9.17 4.48
N ARG E 70 11.75 7.90 4.11
CA ARG E 70 11.79 6.85 5.11
C ARG E 70 13.27 6.53 5.35
N HIS E 71 13.58 6.00 6.53
CA HIS E 71 14.94 5.61 6.83
C HIS E 71 15.35 4.44 5.93
N PRO E 72 16.51 4.55 5.27
CA PRO E 72 16.90 3.58 4.24
C PRO E 72 17.27 2.21 4.79
N GLY E 73 17.51 2.15 6.10
CA GLY E 73 17.86 0.90 6.74
C GLY E 73 19.28 0.83 7.27
N GLU E 74 19.64 -0.33 7.79
CA GLU E 74 20.97 -0.50 8.33
C GLU E 74 21.94 -0.84 7.22
N LEU E 75 23.19 -0.45 7.41
CA LEU E 75 24.28 -0.70 6.46
C LEU E 75 25.13 -1.80 7.08
N ARG E 76 24.91 -3.04 6.65
CA ARG E 76 25.70 -4.16 7.13
C ARG E 76 27.19 -3.84 7.13
N ASN E 77 27.86 -4.06 8.25
CA ASN E 77 29.27 -3.71 8.39
C ASN E 77 29.57 -2.22 8.27
N GLY E 78 28.52 -1.39 8.30
CA GLY E 78 28.74 0.05 8.29
C GLY E 78 27.75 0.85 9.12
N GLN E 79 27.62 2.12 8.78
CA GLN E 79 26.90 3.08 9.57
C GLN E 79 26.17 4.03 8.64
N VAL E 80 24.93 4.31 9.00
CA VAL E 80 24.16 5.33 8.38
C VAL E 80 24.05 6.47 9.36
N GLU E 81 24.61 7.62 9.02
CA GLU E 81 24.58 8.74 9.95
C GLU E 81 23.59 9.81 9.50
N ILE E 82 22.57 10.05 10.31
CA ILE E 82 21.68 11.18 10.09
C ILE E 82 22.47 12.41 10.48
N LYS E 83 22.51 13.38 9.59
CA LYS E 83 23.24 14.61 9.87
C LYS E 83 22.27 15.64 10.41
N THR E 84 21.08 15.68 9.84
CA THR E 84 20.05 16.60 10.30
C THR E 84 18.79 15.78 10.57
N ASP E 85 17.96 15.61 9.55
CA ASP E 85 16.85 14.68 9.65
C ASP E 85 16.70 13.88 8.35
N LEU E 86 15.50 13.38 8.08
CA LEU E 86 15.30 12.58 6.90
C LEU E 86 14.33 13.23 5.93
N SER E 87 14.15 14.55 6.05
CA SER E 87 13.21 15.24 5.17
C SER E 87 13.88 15.87 3.97
N PHE E 88 13.08 16.13 2.94
CA PHE E 88 13.55 16.65 1.65
C PHE E 88 14.67 17.67 1.73
N GLY E 89 15.74 17.42 0.99
CA GLY E 89 16.86 18.35 1.04
C GLY E 89 17.94 17.88 2.00
N SER E 90 17.56 17.17 3.05
CA SER E 90 18.57 16.73 4.01
C SER E 90 19.43 15.65 3.37
N GLN E 91 20.65 15.51 3.87
CA GLN E 91 21.56 14.49 3.36
C GLN E 91 22.00 13.58 4.50
N ILE E 92 22.18 12.29 4.21
CA ILE E 92 22.74 11.38 5.18
C ILE E 92 24.05 10.83 4.68
N GLU E 93 24.89 10.34 5.60
CA GLU E 93 26.21 9.84 5.23
C GLU E 93 26.38 8.38 5.57
N PHE E 94 27.20 7.72 4.77
CA PHE E 94 27.53 6.33 4.99
C PHE E 94 29.00 6.12 5.34
N SER E 95 29.26 5.22 6.26
CA SER E 95 30.64 4.86 6.52
C SER E 95 30.80 3.36 6.71
N CYS E 96 32.00 2.85 6.46
CA CYS E 96 32.28 1.43 6.66
C CYS E 96 33.19 1.16 7.84
N SER E 97 33.15 -0.09 8.28
CA SER E 97 33.91 -0.61 9.43
C SER E 97 35.38 -0.87 9.17
N GLU E 98 36.04 -1.30 10.25
CA GLU E 98 37.44 -1.75 10.36
C GLU E 98 38.25 -1.55 9.13
N GLY E 99 38.20 -2.52 8.22
CA GLY E 99 38.98 -2.45 7.00
C GLY E 99 38.11 -2.68 5.78
N PHE E 100 36.80 -2.55 5.98
CA PHE E 100 35.85 -2.69 4.89
C PHE E 100 35.98 -1.51 3.98
N PHE E 101 35.88 -1.76 2.69
CA PHE E 101 35.93 -0.70 1.69
C PHE E 101 34.51 -0.38 1.23
N LEU E 102 34.14 0.90 1.25
CA LEU E 102 32.79 1.34 0.86
C LEU E 102 32.66 1.46 -0.64
N ILE E 103 31.76 0.68 -1.25
CA ILE E 103 31.44 0.89 -2.66
C ILE E 103 30.07 1.54 -2.85
N GLY E 104 29.99 2.48 -3.79
CA GLY E 104 28.86 3.38 -3.92
C GLY E 104 29.11 4.71 -3.23
N SER E 105 28.06 5.51 -3.05
CA SER E 105 28.21 6.85 -2.47
C SER E 105 28.40 6.86 -0.99
N THR E 106 29.14 7.84 -0.52
CA THR E 106 29.32 8.05 0.89
C THR E 106 28.15 8.94 1.39
N THR E 107 27.38 9.52 0.46
CA THR E 107 26.24 10.33 0.87
C THR E 107 24.97 10.02 0.09
N SER E 108 23.84 10.49 0.61
CA SER E 108 22.56 10.40 -0.10
C SER E 108 21.67 11.56 0.29
N ARG E 109 20.91 12.08 -0.67
CA ARG E 109 20.00 13.19 -0.40
C ARG E 109 18.54 12.78 -0.56
N CYS E 110 17.69 13.28 0.34
CA CYS E 110 16.24 13.12 0.20
C CYS E 110 15.68 14.10 -0.87
N GLU E 111 15.20 13.55 -1.97
CA GLU E 111 14.89 14.34 -3.14
C GLU E 111 13.53 14.01 -3.69
N VAL E 112 12.99 14.89 -4.54
CA VAL E 112 11.75 14.58 -5.25
C VAL E 112 12.04 13.44 -6.21
N GLN E 113 11.20 12.40 -6.21
CA GLN E 113 11.33 11.27 -7.15
C GLN E 113 9.99 10.95 -7.76
N ASP E 114 8.99 11.56 -7.17
CA ASP E 114 7.67 11.71 -7.72
C ASP E 114 6.89 10.48 -8.24
N ARG E 115 6.19 9.89 -7.30
CA ARG E 115 4.90 10.44 -6.95
C ARG E 115 5.10 10.58 -5.44
N GLY E 116 6.35 10.34 -5.02
CA GLY E 116 6.78 10.62 -3.66
C GLY E 116 8.14 11.28 -3.54
N VAL E 117 8.78 11.10 -2.41
CA VAL E 117 10.05 11.74 -2.16
C VAL E 117 10.95 10.56 -1.80
N GLY E 118 12.24 10.66 -2.08
CA GLY E 118 13.10 9.49 -2.01
C GLY E 118 14.58 9.78 -1.90
N TRP E 119 15.38 8.74 -1.77
CA TRP E 119 16.82 8.94 -1.63
C TRP E 119 17.48 9.02 -3.00
N SER E 120 18.33 10.03 -3.18
CA SER E 120 19.12 10.17 -4.41
C SER E 120 19.98 8.92 -4.66
N HIS E 121 20.73 8.49 -3.64
CA HIS E 121 21.57 7.30 -3.77
C HIS E 121 21.12 6.21 -2.83
N PRO E 122 21.17 4.96 -3.27
CA PRO E 122 20.76 3.82 -2.44
C PRO E 122 21.85 3.52 -1.45
N LEU E 123 21.65 2.53 -0.58
CA LEU E 123 22.68 2.11 0.34
C LEU E 123 23.88 1.53 -0.40
N PRO E 124 25.09 1.94 -0.01
CA PRO E 124 26.31 1.33 -0.55
C PRO E 124 26.51 -0.08 -0.03
N GLN E 125 27.61 -0.70 -0.40
CA GLN E 125 27.97 -1.94 0.28
C GLN E 125 29.34 -1.79 0.89
N CYS E 126 29.60 -2.58 1.93
CA CYS E 126 30.86 -2.52 2.65
C CYS E 126 31.49 -3.89 2.50
N GLU E 127 32.59 -3.99 1.74
CA GLU E 127 33.16 -5.29 1.38
C GLU E 127 34.52 -5.61 2.02
N ILE E 128 35.00 -6.83 1.79
CA ILE E 128 36.27 -7.33 2.32
C ILE E 128 36.34 -7.16 3.83
N ILE F 9 24.42 8.88 15.62
CA ILE F 9 24.60 9.75 16.78
C ILE F 9 23.22 9.92 17.47
N SER F 10 23.04 10.94 18.29
CA SER F 10 21.77 11.17 19.00
C SER F 10 20.66 11.56 18.07
N GLN F 11 21.00 11.81 16.81
CA GLN F 11 20.04 12.30 15.83
C GLN F 11 18.90 11.31 15.60
N GLU F 12 19.18 10.01 15.75
CA GLU F 12 18.10 9.01 15.68
C GLU F 12 17.09 9.29 16.78
N SER F 13 17.56 9.55 17.99
CA SER F 13 16.63 9.83 19.09
C SER F 13 15.94 11.17 18.90
N LYS F 14 16.67 12.16 18.41
CA LYS F 14 16.05 13.47 18.23
C LYS F 14 14.94 13.35 17.19
N LEU F 15 15.17 12.57 16.14
CA LEU F 15 14.17 12.36 15.10
C LEU F 15 12.96 11.56 15.60
N ILE F 16 13.22 10.50 16.35
CA ILE F 16 12.17 9.70 16.93
C ILE F 16 11.29 10.55 17.85
N ASN F 17 11.92 11.33 18.71
CA ASN F 17 11.17 12.22 19.60
C ASN F 17 10.36 13.27 18.80
N THR F 18 10.95 13.79 17.74
CA THR F 18 10.27 14.72 16.87
C THR F 18 9.01 14.14 16.27
N LEU F 19 9.13 12.97 15.67
CA LEU F 19 8.00 12.34 15.03
C LEU F 19 6.94 11.92 16.07
N THR F 20 7.41 11.44 17.21
CA THR F 20 6.55 10.97 18.28
C THR F 20 5.72 12.09 18.86
N ASP F 21 6.37 13.24 19.08
CA ASP F 21 5.69 14.38 19.63
C ASP F 21 4.74 14.92 18.59
N GLU F 22 5.18 14.91 17.34
CA GLU F 22 4.41 15.49 16.28
C GLU F 22 3.16 14.65 16.10
N ASN F 23 3.31 13.33 16.11
CA ASN F 23 2.17 12.44 15.98
C ASN F 23 1.22 12.59 17.14
N GLU F 24 1.77 12.87 18.30
CA GLU F 24 0.93 12.98 19.49
C GLU F 24 -0.05 14.16 19.39
N LYS F 25 0.44 15.36 19.09
CA LYS F 25 -0.45 16.51 19.10
C LYS F 25 -1.44 16.42 17.96
N LEU F 26 -1.04 15.72 16.91
CA LEU F 26 -1.87 15.58 15.73
C LEU F 26 -3.07 14.73 16.13
N ARG F 27 -2.78 13.65 16.85
CA ARG F 27 -3.76 12.74 17.39
C ARG F 27 -4.61 13.43 18.46
N GLU F 28 -4.00 14.35 19.22
CA GLU F 28 -4.76 15.13 20.18
C GLU F 28 -5.80 16.01 19.48
N GLU F 29 -5.37 16.62 18.39
CA GLU F 29 -6.22 17.52 17.62
C GLU F 29 -7.39 16.76 17.04
N LEU F 30 -7.14 15.53 16.59
CA LEU F 30 -8.17 14.71 16.00
C LEU F 30 -9.33 14.47 16.99
N GLN F 31 -8.99 14.35 18.27
CA GLN F 31 -10.01 14.10 19.28
C GLN F 31 -10.92 15.27 19.51
N GLN F 32 -10.35 16.46 19.37
CA GLN F 32 -11.13 17.68 19.42
C GLN F 32 -12.22 17.54 18.35
N TYR F 33 -11.85 17.04 17.18
CA TYR F 33 -12.76 16.78 16.07
C TYR F 33 -13.65 15.55 16.24
N TYR F 34 -13.12 14.46 16.81
CA TYR F 34 -13.96 13.27 17.01
C TYR F 34 -15.17 13.59 17.85
N ALA F 35 -14.89 14.32 18.92
CA ALA F 35 -15.89 14.71 19.90
C ALA F 35 -16.92 15.74 19.42
N LEU F 36 -16.52 16.67 18.55
CA LEU F 36 -17.42 17.74 18.12
C LEU F 36 -18.19 17.51 16.82
N SER F 37 -17.71 16.62 15.98
CA SER F 37 -18.32 16.39 14.67
C SER F 37 -19.34 15.25 14.69
N SER G 4 -30.14 -14.63 18.21
CA SER G 4 -30.58 -13.26 18.51
C SER G 4 -30.54 -13.06 20.03
N ASN G 5 -30.04 -11.91 20.47
CA ASN G 5 -29.85 -11.50 21.88
C ASN G 5 -28.47 -11.84 22.48
N CYS G 6 -27.70 -10.80 22.81
CA CYS G 6 -26.34 -10.95 23.32
C CYS G 6 -26.23 -11.07 24.82
N GLY G 7 -25.15 -11.69 25.24
CA GLY G 7 -24.81 -11.81 26.63
C GLY G 7 -23.92 -10.66 27.02
N PRO G 8 -23.22 -10.76 28.16
CA PRO G 8 -22.37 -9.66 28.60
C PRO G 8 -21.29 -9.34 27.57
N PRO G 9 -20.90 -8.07 27.47
CA PRO G 9 -19.98 -7.64 26.42
C PRO G 9 -18.59 -8.19 26.67
N PRO G 10 -17.82 -8.37 25.60
CA PRO G 10 -16.49 -8.95 25.74
C PRO G 10 -15.58 -8.00 26.52
N THR G 11 -14.55 -8.55 27.15
CA THR G 11 -13.54 -7.68 27.74
C THR G 11 -12.53 -7.31 26.67
N LEU G 12 -12.25 -6.03 26.54
CA LEU G 12 -11.34 -5.61 25.48
C LEU G 12 -10.02 -5.21 26.10
N SER G 13 -8.94 -5.30 25.32
CA SER G 13 -7.61 -4.96 25.79
C SER G 13 -7.37 -3.46 25.85
N PHE G 14 -8.15 -2.71 25.07
CA PHE G 14 -7.87 -1.29 24.84
C PHE G 14 -8.90 -0.33 25.41
N ALA G 15 -10.09 -0.82 25.70
CA ALA G 15 -11.13 0.07 26.17
C ALA G 15 -12.02 -0.64 27.18
N ALA G 16 -12.66 0.13 28.04
CA ALA G 16 -13.66 -0.40 28.98
C ALA G 16 -14.93 0.41 28.83
N PRO G 17 -16.07 -0.18 29.17
CA PRO G 17 -17.30 0.59 29.06
C PRO G 17 -17.30 1.77 30.01
N MET G 18 -17.78 2.94 29.59
CA MET G 18 -18.12 3.94 30.59
C MET G 18 -19.40 3.37 31.17
N ASP G 19 -19.78 3.79 32.37
CA ASP G 19 -20.89 3.16 33.06
C ASP G 19 -20.48 1.72 33.44
N ILE G 20 -20.29 1.47 34.74
CA ILE G 20 -19.94 0.12 35.17
C ILE G 20 -21.25 -0.62 35.51
N THR G 21 -22.25 -0.29 34.69
CA THR G 21 -23.58 -0.91 34.63
C THR G 21 -24.17 -1.40 35.95
N LEU G 22 -25.01 -2.42 35.80
CA LEU G 22 -25.54 -3.21 36.91
C LEU G 22 -25.04 -4.61 36.54
N THR G 23 -24.19 -4.61 35.51
CA THR G 23 -23.69 -5.81 34.85
C THR G 23 -24.83 -6.75 34.51
N GLU G 24 -25.74 -6.23 33.70
CA GLU G 24 -26.77 -7.02 33.07
C GLU G 24 -26.14 -8.07 32.20
N THR G 25 -26.63 -9.30 32.33
CA THR G 25 -25.98 -10.43 31.70
C THR G 25 -26.54 -10.63 30.29
N ARG G 26 -27.70 -10.02 30.01
CA ARG G 26 -28.33 -10.13 28.69
C ARG G 26 -28.74 -8.78 28.11
N PHE G 27 -28.48 -8.58 26.81
CA PHE G 27 -28.84 -7.32 26.15
C PHE G 27 -29.63 -7.57 24.87
N LYS G 28 -30.72 -6.84 24.69
CA LYS G 28 -31.58 -7.05 23.56
C LYS G 28 -30.82 -6.66 22.30
N THR G 29 -31.16 -7.29 21.18
CA THR G 29 -30.54 -6.97 19.90
C THR G 29 -30.76 -5.50 19.58
N GLY G 30 -29.67 -4.80 19.29
CA GLY G 30 -29.74 -3.40 18.97
C GLY G 30 -29.14 -2.49 20.04
N THR G 31 -28.85 -3.00 21.23
CA THR G 31 -28.29 -2.13 22.27
C THR G 31 -26.89 -1.77 21.86
N THR G 32 -26.54 -0.51 22.08
CA THR G 32 -25.17 -0.09 21.83
C THR G 32 -24.56 0.44 23.13
N LEU G 33 -23.32 0.02 23.39
CA LEU G 33 -22.55 0.40 24.58
C LEU G 33 -21.34 1.25 24.25
N LYS G 34 -21.16 2.33 25.02
CA LYS G 34 -20.05 3.27 24.88
C LYS G 34 -18.79 2.86 25.65
N TYR G 35 -17.65 2.96 24.97
CA TYR G 35 -16.40 2.58 25.61
C TYR G 35 -15.46 3.77 25.76
N THR G 36 -14.51 3.67 26.66
CA THR G 36 -13.48 4.69 26.80
C THR G 36 -12.15 3.99 26.77
N CYS G 37 -11.14 4.65 26.22
CA CYS G 37 -9.82 4.02 26.14
C CYS G 37 -9.32 3.73 27.53
N LEU G 38 -8.79 2.53 27.74
CA LEU G 38 -8.08 2.23 28.97
C LEU G 38 -6.85 3.12 28.99
N PRO G 39 -6.31 3.39 30.19
CA PRO G 39 -5.11 4.22 30.26
C PRO G 39 -3.93 3.58 29.53
N GLY G 40 -3.06 4.41 28.97
CA GLY G 40 -1.98 3.93 28.16
C GLY G 40 -2.39 3.87 26.70
N TYR G 41 -3.69 4.05 26.46
CA TYR G 41 -4.24 4.02 25.10
C TYR G 41 -4.84 5.36 24.69
N VAL G 42 -4.85 5.65 23.38
CA VAL G 42 -5.56 6.83 22.82
C VAL G 42 -6.60 6.46 21.80
N ARG G 43 -7.61 7.31 21.70
CA ARG G 43 -8.71 7.26 20.74
C ARG G 43 -8.17 7.36 19.33
N SER G 44 -8.52 6.40 18.50
CA SER G 44 -8.07 6.41 17.12
C SER G 44 -9.24 6.64 16.19
N HIS G 45 -10.46 6.41 16.66
CA HIS G 45 -11.63 6.61 15.80
C HIS G 45 -12.74 7.38 16.51
N SER G 46 -13.60 8.01 15.74
CA SER G 46 -14.73 8.75 16.27
C SER G 46 -15.67 7.85 17.06
N THR G 47 -15.99 6.72 16.46
CA THR G 47 -16.93 5.77 17.03
C THR G 47 -16.27 4.87 18.08
N GLN G 48 -16.71 4.98 19.32
CA GLN G 48 -16.17 4.12 20.36
C GLN G 48 -17.26 3.22 20.94
N THR G 49 -17.95 2.47 20.09
CA THR G 49 -19.08 1.68 20.58
C THR G 49 -19.03 0.21 20.23
N LEU G 50 -19.73 -0.57 21.06
CA LEU G 50 -20.03 -1.94 20.72
C LEU G 50 -21.53 -2.03 20.47
N THR G 51 -21.92 -2.79 19.45
CA THR G 51 -23.34 -2.99 19.24
C THR G 51 -23.68 -4.47 19.19
N CYS G 52 -24.78 -4.77 19.87
CA CYS G 52 -25.34 -6.11 19.90
C CYS G 52 -26.20 -6.29 18.69
N ASN G 53 -25.79 -7.21 17.82
CA ASN G 53 -26.50 -7.34 16.57
C ASN G 53 -27.55 -8.45 16.55
N SER G 54 -28.13 -8.66 15.37
CA SER G 54 -29.20 -9.64 15.15
C SER G 54 -28.81 -11.04 15.58
N ASP G 55 -27.54 -11.39 15.43
CA ASP G 55 -27.09 -12.76 15.73
C ASP G 55 -26.64 -12.92 17.17
N GLY G 56 -26.88 -11.88 17.96
CA GLY G 56 -26.51 -11.89 19.37
C GLY G 56 -25.02 -11.86 19.61
N GLU G 57 -24.25 -11.29 18.68
CA GLU G 57 -22.83 -11.10 18.92
C GLU G 57 -22.54 -9.63 19.06
N TRP G 58 -21.56 -9.31 19.90
CA TRP G 58 -21.11 -7.94 20.01
C TRP G 58 -20.16 -7.60 18.87
N VAL G 59 -20.47 -6.52 18.18
CA VAL G 59 -19.70 -6.12 17.05
C VAL G 59 -19.09 -4.74 17.29
N TYR G 60 -17.81 -4.61 16.98
CA TYR G 60 -17.10 -3.35 17.14
C TYR G 60 -15.91 -3.38 16.22
N ASN G 61 -15.34 -2.22 15.94
CA ASN G 61 -13.99 -2.16 15.39
C ASN G 61 -13.04 -1.72 16.50
N THR G 62 -11.74 -1.73 16.22
CA THR G 62 -10.74 -1.35 17.21
C THR G 62 -10.50 0.14 17.22
N PHE G 63 -10.99 0.83 18.25
CA PHE G 63 -10.97 2.29 18.26
C PHE G 63 -9.97 2.94 19.23
N CYS G 64 -9.10 2.14 19.84
CA CYS G 64 -7.99 2.68 20.65
C CYS G 64 -6.65 2.01 20.34
N ILE G 65 -5.58 2.79 20.42
CA ILE G 65 -4.20 2.28 20.23
C ILE G 65 -3.23 2.73 21.32
N TYR G 66 -2.08 2.07 21.34
CA TYR G 66 -0.97 2.39 22.24
C TYR G 66 -0.53 3.84 22.20
N LYS G 67 -0.35 4.45 23.36
CA LYS G 67 0.36 5.72 23.39
C LYS G 67 1.85 5.37 23.23
N ARG G 68 2.66 6.38 22.92
CA ARG G 68 4.08 6.20 22.67
C ARG G 68 4.88 6.93 23.73
N CYS G 69 5.88 6.28 24.31
CA CYS G 69 6.84 7.00 25.15
C CYS G 69 7.82 7.72 24.22
N ARG G 70 8.56 8.68 24.76
CA ARG G 70 9.62 9.34 24.01
C ARG G 70 10.92 8.61 24.21
N HIS G 71 11.83 8.77 23.27
CA HIS G 71 13.13 8.19 23.47
C HIS G 71 13.76 8.95 24.64
N PRO G 72 14.29 8.22 25.63
CA PRO G 72 14.82 8.77 26.87
C PRO G 72 16.14 9.51 26.69
N GLY G 73 16.77 9.34 25.54
CA GLY G 73 18.03 10.03 25.25
C GLY G 73 19.23 9.11 25.20
N GLU G 74 20.42 9.68 24.99
CA GLU G 74 21.63 8.87 24.86
C GLU G 74 22.15 8.52 26.25
N LEU G 75 22.75 7.35 26.37
CA LEU G 75 23.20 6.91 27.68
C LEU G 75 24.69 6.98 27.86
N ARG G 76 25.12 8.10 28.43
CA ARG G 76 26.48 8.38 28.89
C ARG G 76 27.59 7.43 28.44
N ASN G 77 27.64 6.30 29.13
CA ASN G 77 28.68 5.30 28.99
C ASN G 77 28.58 4.44 27.73
N GLY G 78 27.36 3.96 27.43
CA GLY G 78 27.19 3.10 26.29
C GLY G 78 25.92 3.09 25.46
N GLN G 79 24.95 2.25 25.80
CA GLN G 79 23.88 1.99 24.86
C GLN G 79 22.46 1.80 25.41
N VAL G 80 21.51 2.41 24.71
CA VAL G 80 20.09 2.14 24.91
C VAL G 80 19.58 1.34 23.71
N GLU G 81 19.03 0.16 23.98
CA GLU G 81 18.58 -0.71 22.91
C GLU G 81 17.07 -0.79 22.80
N ILE G 82 16.50 -0.36 21.68
CA ILE G 82 15.09 -0.60 21.41
C ILE G 82 14.98 -2.08 21.07
N LYS G 83 14.06 -2.78 21.73
CA LYS G 83 13.83 -4.20 21.47
C LYS G 83 12.67 -4.38 20.51
N THR G 84 11.65 -3.54 20.67
CA THR G 84 10.49 -3.52 19.79
C THR G 84 10.29 -2.10 19.33
N ASP G 85 9.49 -1.35 20.07
CA ASP G 85 9.38 0.07 19.86
C ASP G 85 9.38 0.77 21.21
N LEU G 86 8.81 1.97 21.28
CA LEU G 86 8.80 2.74 22.53
C LEU G 86 7.39 2.94 23.02
N SER G 87 6.50 2.07 22.58
CA SER G 87 5.11 2.28 22.93
C SER G 87 4.73 1.49 24.16
N PHE G 88 3.61 1.90 24.74
CA PHE G 88 3.06 1.31 25.95
C PHE G 88 3.17 -0.21 25.94
N GLY G 89 3.74 -0.76 27.01
CA GLY G 89 3.92 -2.19 27.09
C GLY G 89 5.33 -2.63 26.72
N SER G 90 5.97 -1.89 25.81
CA SER G 90 7.33 -2.27 25.37
C SER G 90 8.40 -2.04 26.42
N GLN G 91 9.48 -2.79 26.28
CA GLN G 91 10.59 -2.65 27.18
C GLN G 91 11.86 -2.39 26.38
N ILE G 92 12.74 -1.57 26.93
CA ILE G 92 14.05 -1.30 26.37
C ILE G 92 15.15 -1.80 27.32
N GLU G 93 16.36 -1.94 26.81
CA GLU G 93 17.46 -2.45 27.62
C GLU G 93 18.63 -1.49 27.66
N PHE G 94 19.35 -1.52 28.78
CA PHE G 94 20.50 -0.66 28.97
C PHE G 94 21.77 -1.49 29.09
N SER G 95 22.85 -1.04 28.46
CA SER G 95 24.16 -1.63 28.72
C SER G 95 25.13 -0.48 28.81
N CYS G 96 26.24 -0.73 29.49
CA CYS G 96 27.29 0.25 29.64
C CYS G 96 28.49 -0.21 28.84
N SER G 97 29.35 0.72 28.44
CA SER G 97 30.43 0.30 27.55
C SER G 97 31.51 -0.49 28.29
N GLU G 98 32.35 -1.13 27.49
CA GLU G 98 33.31 -2.17 27.89
C GLU G 98 34.06 -1.99 29.22
N GLY G 99 33.73 -0.99 30.03
CA GLY G 99 34.41 -0.83 31.30
C GLY G 99 33.56 -0.55 32.52
N PHE G 100 32.61 0.37 32.31
CA PHE G 100 31.72 0.94 33.31
C PHE G 100 30.72 -0.05 33.94
N PHE G 101 30.45 0.07 35.25
CA PHE G 101 29.53 -0.87 35.91
C PHE G 101 28.10 -0.37 36.09
N LEU G 102 27.13 -1.13 35.56
CA LEU G 102 25.71 -0.79 35.66
C LEU G 102 24.98 -1.33 36.88
N ILE G 103 24.53 -0.42 37.74
CA ILE G 103 23.46 -0.71 38.69
C ILE G 103 22.27 0.17 38.33
N GLY G 104 21.16 -0.11 38.97
CA GLY G 104 19.91 0.49 38.57
C GLY G 104 19.31 -0.51 37.63
N SER G 105 18.23 -0.15 36.96
CA SER G 105 17.57 -1.15 36.14
C SER G 105 18.35 -1.35 34.86
N THR G 106 18.35 -2.59 34.40
CA THR G 106 18.91 -2.90 33.12
C THR G 106 17.81 -2.75 32.09
N THR G 107 16.57 -2.63 32.57
CA THR G 107 15.43 -2.47 31.68
C THR G 107 14.46 -1.37 32.07
N SER G 108 13.63 -0.98 31.11
CA SER G 108 12.58 -0.02 31.39
C SER G 108 11.42 -0.31 30.46
N ARG G 109 10.21 -0.21 31.01
CA ARG G 109 8.99 -0.47 30.26
C ARG G 109 8.23 0.83 30.15
N CYS G 110 7.58 1.04 29.01
CA CYS G 110 6.68 2.17 28.83
C CYS G 110 5.35 1.89 29.56
N GLU G 111 5.09 2.64 30.63
CA GLU G 111 3.98 2.31 31.53
C GLU G 111 3.05 3.51 31.74
N VAL G 112 1.83 3.23 32.22
CA VAL G 112 0.92 4.31 32.56
C VAL G 112 1.52 5.12 33.70
N GLN G 113 1.60 6.43 33.48
CA GLN G 113 2.03 7.39 34.48
C GLN G 113 1.11 8.57 34.42
N ASP G 114 0.60 9.03 35.56
CA ASP G 114 -0.19 10.25 35.58
C ASP G 114 -1.42 10.04 34.65
N ARG G 115 -1.58 10.85 33.61
CA ARG G 115 -2.65 10.62 32.63
C ARG G 115 -2.09 10.35 31.24
N GLY G 116 -0.81 10.06 31.18
CA GLY G 116 -0.19 9.63 29.94
C GLY G 116 0.62 8.38 30.19
N VAL G 117 1.69 8.23 29.43
CA VAL G 117 2.53 7.03 29.53
C VAL G 117 3.99 7.45 29.68
N GLY G 118 4.81 6.61 30.31
CA GLY G 118 6.18 6.98 30.66
C GLY G 118 7.04 5.77 30.97
N TRP G 119 8.33 5.99 31.27
CA TRP G 119 9.27 4.88 31.56
C TRP G 119 9.25 4.49 33.03
N SER G 120 9.11 3.20 33.30
CA SER G 120 9.09 2.71 34.68
C SER G 120 10.36 3.11 35.42
N HIS G 121 11.50 2.82 34.80
CA HIS G 121 12.79 3.14 35.41
C HIS G 121 13.52 4.11 34.48
N PRO G 122 14.27 5.06 35.07
CA PRO G 122 15.07 6.05 34.32
C PRO G 122 16.35 5.41 33.81
N LEU G 123 17.19 6.20 33.14
CA LEU G 123 18.48 5.72 32.68
C LEU G 123 19.36 5.28 33.88
N PRO G 124 20.01 4.11 33.76
CA PRO G 124 20.87 3.65 34.85
C PRO G 124 22.13 4.48 35.02
N GLN G 125 22.98 4.04 35.94
CA GLN G 125 24.29 4.67 36.18
C GLN G 125 25.47 3.72 36.00
N CYS G 126 26.66 4.30 35.72
CA CYS G 126 27.91 3.54 35.60
C CYS G 126 29.11 3.98 36.45
N GLU G 127 29.83 5.01 35.99
CA GLU G 127 31.08 5.47 36.61
C GLU G 127 32.20 4.42 36.67
N ILE G 128 33.37 4.87 37.13
CA ILE G 128 34.55 4.04 37.30
C ILE G 128 34.88 3.20 36.07
N ILE H 9 20.27 -0.97 15.72
CA ILE H 9 19.82 0.24 15.02
C ILE H 9 18.66 -0.04 14.03
N SER H 10 18.42 -1.31 13.72
CA SER H 10 17.36 -1.63 12.78
C SER H 10 15.98 -1.39 13.37
N GLN H 11 15.81 -1.59 14.69
CA GLN H 11 14.52 -1.31 15.35
C GLN H 11 14.30 0.18 15.44
N GLU H 12 15.40 0.92 15.55
CA GLU H 12 15.36 2.38 15.53
C GLU H 12 14.80 2.82 14.18
N SER H 13 15.36 2.25 13.13
CA SER H 13 14.97 2.64 11.78
C SER H 13 13.53 2.23 11.51
N LYS H 14 13.15 1.05 11.98
CA LYS H 14 11.79 0.59 11.81
C LYS H 14 10.84 1.48 12.57
N LEU H 15 11.27 1.98 13.71
CA LEU H 15 10.42 2.88 14.46
C LEU H 15 10.25 4.18 13.69
N ILE H 16 11.35 4.70 13.15
CA ILE H 16 11.35 5.95 12.41
C ILE H 16 10.39 5.82 11.24
N ASN H 17 10.49 4.71 10.53
CA ASN H 17 9.60 4.46 9.43
C ASN H 17 8.15 4.32 9.86
N THR H 18 7.93 3.62 10.96
CA THR H 18 6.59 3.46 11.50
C THR H 18 6.00 4.82 11.81
N LEU H 19 6.78 5.67 12.48
CA LEU H 19 6.30 6.96 12.91
C LEU H 19 6.05 7.87 11.74
N THR H 20 6.90 7.76 10.72
CA THR H 20 6.82 8.54 9.49
C THR H 20 5.57 8.17 8.67
N ASP H 21 5.26 6.89 8.57
CA ASP H 21 4.07 6.45 7.84
C ASP H 21 2.80 6.93 8.57
N GLU H 22 2.84 6.89 9.91
CA GLU H 22 1.73 7.33 10.75
C GLU H 22 1.54 8.84 10.66
N ASN H 23 2.65 9.56 10.67
CA ASN H 23 2.61 11.01 10.66
C ASN H 23 1.91 11.51 9.40
N GLU H 24 2.20 10.84 8.30
CA GLU H 24 1.58 11.19 7.05
C GLU H 24 0.09 10.85 7.11
N LYS H 25 -0.26 9.65 7.55
CA LYS H 25 -1.65 9.26 7.48
C LYS H 25 -2.48 10.10 8.44
N LEU H 26 -1.86 10.55 9.53
CA LEU H 26 -2.52 11.39 10.52
C LEU H 26 -2.77 12.80 9.95
N ARG H 27 -1.82 13.33 9.19
CA ARG H 27 -1.98 14.64 8.56
C ARG H 27 -3.10 14.60 7.55
N GLU H 28 -3.20 13.50 6.82
CA GLU H 28 -4.32 13.37 5.90
C GLU H 28 -5.68 13.36 6.64
N GLU H 29 -5.75 12.71 7.80
CA GLU H 29 -7.01 12.61 8.56
C GLU H 29 -7.52 13.97 9.00
N LEU H 30 -6.62 14.81 9.50
CA LEU H 30 -6.97 16.15 9.89
C LEU H 30 -7.40 16.97 8.68
N GLN H 31 -6.79 16.70 7.53
CA GLN H 31 -7.13 17.48 6.35
C GLN H 31 -8.56 17.25 5.95
N GLN H 32 -8.99 16.00 6.04
CA GLN H 32 -10.39 15.69 5.79
C GLN H 32 -11.32 16.43 6.75
N TYR H 33 -10.93 16.56 8.01
CA TYR H 33 -11.76 17.31 8.98
C TYR H 33 -11.72 18.79 8.69
N TYR H 34 -10.56 19.33 8.32
CA TYR H 34 -10.48 20.74 7.94
C TYR H 34 -11.42 21.03 6.77
N ALA H 35 -11.52 20.08 5.83
CA ALA H 35 -12.34 20.25 4.63
C ALA H 35 -13.83 20.43 4.98
N LEU H 36 -14.26 19.88 6.12
CA LEU H 36 -15.65 20.01 6.57
C LEU H 36 -15.89 21.27 7.39
#